data_2G77
#
_entry.id   2G77
#
_cell.length_a   72.200
_cell.length_b   94.526
_cell.length_c   102.561
_cell.angle_alpha   90.00
_cell.angle_beta   90.00
_cell.angle_gamma   90.00
#
_symmetry.space_group_name_H-M   'P 21 21 21'
#
loop_
_entity.id
_entity.type
_entity.pdbx_description
1 polymer 'GTPase-activating protein GYP1'
2 polymer 'Ras-related protein Rab-33B'
3 non-polymer 'MAGNESIUM ION'
4 non-polymer "GUANOSINE-5'-DIPHOSPHATE"
5 non-polymer 'ALUMINUM FLUORIDE'
6 water water
#
loop_
_entity_poly.entity_id
_entity_poly.type
_entity_poly.pdbx_seq_one_letter_code
_entity_poly.pdbx_strand_id
1 'polypeptide(L)'
;MGHHHHHHGSLVPRGSDVQELNSIIQRISKFDNILKDKTIINQQDLRQISWNGIPKIHRPVVWKLLIGYLPVNTKRQEGF
LQRKRKEYRDSLKHTFSDQHSRDIPTWHQIEIDIPRTNPHIPLYQFKSVQNSLQRILYLWAIRHPASGYVQGINDLVTPF
FETFLTEYLPPSQIDDVKIKDPSTYMVDEQITDLEADTFWCLTKLLEQITDNYIHGQPGILRQVKNLSQLVKRIDADLYN
HFQNEHVEFIQFAFRWMNCLLMREFQMGTVIRMWDTYLSETSQEVTSSYSMSSNDIKPPVTPTEPRVASFVTPTKDFQSP
TTALSNMTPNNAVEDSGKMRQSSLNEFHVFVCAAFLIKWSDQLMEMDFQETITFLQNPPTKDWTETDIEMLLSEAFIWQS
LYKDATSHWL
;
A
2 'polypeptide(L)'
;MGHHHHHHGSSSCAVSGASGCLPPARSRIFKIIVIGDSNVGKTCLTYRFCAGRFPDRTEATIGVDFRERAVDIDGERIKI
QLWDTAGQERFRKSMVQHYYRNVHAVVFVYD(MSE)TN(MSE)ASFHSLPAWIEECKQHLLANDIPRILVGNKCDLRSAI
QVPTDLAQKFADTHS(MSE)PLFETSAKNPNDNDHVEAIF(MSE)TLAHKLKSH
;
B
#
loop_
_chem_comp.id
_chem_comp.type
_chem_comp.name
_chem_comp.formula
AF3 non-polymer 'ALUMINUM FLUORIDE' 'Al F3'
GDP RNA linking GUANOSINE-5'-DIPHOSPHATE 'C10 H15 N5 O11 P2'
MG non-polymer 'MAGNESIUM ION' 'Mg 2'
#
# COMPACT_ATOMS: atom_id res chain seq x y z
N GLN A 19 18.14 -33.27 14.50
CA GLN A 19 19.30 -33.21 13.56
C GLN A 19 20.29 -32.11 13.95
N GLU A 20 21.57 -32.46 14.02
CA GLU A 20 22.60 -31.42 14.10
C GLU A 20 23.06 -31.04 12.69
N LEU A 21 22.80 -31.93 11.73
CA LEU A 21 23.17 -31.67 10.34
C LEU A 21 22.03 -31.04 9.51
N ASN A 22 20.83 -31.02 10.08
CA ASN A 22 19.71 -30.35 9.44
C ASN A 22 19.59 -28.91 9.93
N SER A 23 19.70 -28.01 8.97
CA SER A 23 19.80 -26.58 9.17
C SER A 23 18.59 -25.90 9.87
N ILE A 24 17.37 -26.24 9.43
CA ILE A 24 16.18 -25.67 10.08
C ILE A 24 16.03 -26.16 11.56
N ILE A 25 16.27 -27.44 11.80
CA ILE A 25 16.22 -28.02 13.18
C ILE A 25 17.25 -27.40 14.12
N GLN A 26 18.44 -27.12 13.61
CA GLN A 26 19.48 -26.56 14.45
C GLN A 26 19.18 -25.07 14.80
N ARG A 27 18.68 -24.32 13.81
CA ARG A 27 18.36 -22.91 14.07
C ARG A 27 17.23 -22.78 15.12
N ILE A 28 16.19 -23.60 14.98
CA ILE A 28 15.09 -23.69 15.93
C ILE A 28 15.60 -23.98 17.35
N SER A 29 16.58 -24.87 17.43
CA SER A 29 17.23 -25.24 18.66
C SER A 29 17.95 -24.05 19.24
N LYS A 30 18.65 -23.27 18.40
CA LYS A 30 19.32 -22.08 18.94
C LYS A 30 18.31 -21.08 19.45
N PHE A 31 17.13 -20.99 18.82
CA PHE A 31 16.09 -20.07 19.32
C PHE A 31 15.47 -20.56 20.61
N ASP A 32 15.24 -21.88 20.72
CA ASP A 32 14.83 -22.48 22.00
C ASP A 32 15.79 -22.16 23.13
N ASN A 33 17.10 -22.29 22.89
CA ASN A 33 18.07 -21.92 23.92
C ASN A 33 17.88 -20.51 24.47
N ILE A 34 17.43 -19.57 23.63
CA ILE A 34 17.25 -18.18 24.09
C ILE A 34 15.85 -17.94 24.69
N LEU A 35 14.87 -18.66 24.17
CA LEU A 35 13.46 -18.40 24.52
C LEU A 35 12.90 -19.31 25.61
N LYS A 36 13.38 -20.54 25.64
CA LYS A 36 12.69 -21.59 26.36
C LYS A 36 13.24 -21.76 27.78
N ASP A 37 12.33 -22.00 28.71
CA ASP A 37 12.67 -22.30 30.10
C ASP A 37 13.55 -21.22 30.75
N LYS A 38 13.34 -19.97 30.35
CA LYS A 38 14.08 -18.87 30.94
C LYS A 38 13.18 -18.14 31.88
N THR A 39 13.78 -17.22 32.64
CA THR A 39 13.05 -16.39 33.56
C THR A 39 12.97 -15.04 32.90
N ILE A 40 14.13 -14.56 32.45
CA ILE A 40 14.22 -13.30 31.70
C ILE A 40 14.89 -13.59 30.36
N ILE A 41 14.21 -13.21 29.28
CA ILE A 41 14.65 -13.57 27.96
C ILE A 41 15.68 -12.52 27.62
N ASN A 42 16.82 -12.95 27.11
CA ASN A 42 17.89 -11.99 26.86
C ASN A 42 17.62 -11.27 25.52
N GLN A 43 17.29 -9.98 25.60
CA GLN A 43 16.82 -9.26 24.42
C GLN A 43 17.88 -9.06 23.35
N GLN A 44 19.11 -8.72 23.77
CA GLN A 44 20.22 -8.56 22.82
C GLN A 44 20.59 -9.88 22.17
N ASP A 45 20.51 -11.00 22.89
CA ASP A 45 20.81 -12.27 22.26
C ASP A 45 19.76 -12.56 21.20
N LEU A 46 18.49 -12.33 21.53
CA LEU A 46 17.37 -12.53 20.55
C LEU A 46 17.45 -11.60 19.32
N ARG A 47 17.77 -10.32 19.52
CA ARG A 47 18.03 -9.38 18.40
C ARG A 47 19.09 -9.92 17.44
N GLN A 48 20.27 -10.27 17.96
CA GLN A 48 21.42 -10.74 17.13
C GLN A 48 21.04 -11.87 16.25
N ILE A 49 20.43 -12.89 16.86
CA ILE A 49 20.03 -14.06 16.07
C ILE A 49 18.90 -13.73 15.07
N SER A 50 17.91 -12.97 15.51
CA SER A 50 16.69 -12.76 14.72
C SER A 50 16.98 -11.93 13.48
N TRP A 51 18.02 -11.08 13.58
CA TRP A 51 18.40 -10.23 12.46
C TRP A 51 18.51 -11.07 11.25
N ASN A 52 19.02 -12.30 11.41
CA ASN A 52 19.24 -13.22 10.28
C ASN A 52 18.06 -14.15 9.94
N GLY A 53 16.83 -13.87 10.42
CA GLY A 53 15.64 -14.68 9.99
C GLY A 53 15.16 -15.49 11.19
N ILE A 54 13.85 -15.67 11.31
CA ILE A 54 13.29 -16.31 12.46
C ILE A 54 12.49 -17.51 12.03
N PRO A 55 12.78 -18.66 12.64
CA PRO A 55 12.02 -19.82 12.14
C PRO A 55 10.50 -19.54 12.30
N LYS A 56 9.72 -19.89 11.31
CA LYS A 56 8.26 -19.63 11.33
C LYS A 56 7.54 -20.12 12.60
N ILE A 57 8.03 -21.19 13.23
CA ILE A 57 7.48 -21.62 14.54
C ILE A 57 7.60 -20.63 15.65
N HIS A 58 8.65 -19.79 15.55
CA HIS A 58 9.02 -18.86 16.61
C HIS A 58 8.61 -17.41 16.41
N ARG A 59 8.23 -17.02 15.18
CA ARG A 59 7.90 -15.64 14.84
C ARG A 59 6.83 -14.98 15.68
N PRO A 60 5.68 -15.68 15.95
CA PRO A 60 4.72 -14.92 16.77
C PRO A 60 5.22 -14.40 18.13
N VAL A 61 5.86 -15.25 18.93
CA VAL A 61 6.45 -14.87 20.22
C VAL A 61 7.67 -13.90 20.04
N VAL A 62 8.61 -14.21 19.16
CA VAL A 62 9.79 -13.34 18.90
C VAL A 62 9.42 -11.95 18.42
N TRP A 63 8.56 -11.84 17.40
CA TRP A 63 8.05 -10.57 16.94
C TRP A 63 7.47 -9.77 18.08
N LYS A 64 6.65 -10.38 18.93
CA LYS A 64 6.05 -9.64 20.06
C LYS A 64 7.09 -9.12 21.07
N LEU A 65 8.12 -9.92 21.34
CA LEU A 65 9.24 -9.56 22.24
C LEU A 65 10.04 -8.46 21.62
N LEU A 66 10.33 -8.57 20.32
CA LEU A 66 11.24 -7.61 19.66
C LEU A 66 10.61 -6.28 19.54
N ILE A 67 9.31 -6.25 19.26
CA ILE A 67 8.63 -4.97 19.05
C ILE A 67 8.33 -4.21 20.38
N GLY A 68 8.68 -4.83 21.50
CA GLY A 68 8.44 -4.28 22.79
C GLY A 68 7.04 -4.48 23.34
N TYR A 69 6.31 -5.46 22.83
CA TYR A 69 4.95 -5.68 23.32
C TYR A 69 5.00 -6.67 24.47
N LEU A 70 5.46 -7.87 24.19
CA LEU A 70 5.47 -8.92 25.20
C LEU A 70 6.67 -8.77 26.18
N PRO A 71 6.41 -8.81 27.50
CA PRO A 71 7.55 -8.66 28.43
C PRO A 71 8.61 -9.72 28.24
N VAL A 72 9.89 -9.29 28.35
CA VAL A 72 11.00 -10.28 28.40
C VAL A 72 11.02 -11.14 29.66
N ASN A 73 10.47 -10.63 30.76
CA ASN A 73 10.37 -11.43 31.99
C ASN A 73 9.21 -12.36 31.80
N THR A 74 9.46 -13.66 31.69
CA THR A 74 8.39 -14.59 31.31
C THR A 74 7.28 -14.70 32.35
N LYS A 75 7.58 -14.46 33.62
CA LYS A 75 6.52 -14.61 34.61
C LYS A 75 5.51 -13.43 34.52
N ARG A 76 5.97 -12.27 34.02
CA ARG A 76 5.04 -11.15 33.76
C ARG A 76 4.06 -11.31 32.55
N GLN A 77 4.27 -12.34 31.72
CA GLN A 77 3.71 -12.33 30.36
C GLN A 77 2.20 -12.57 30.36
N GLU A 78 1.76 -13.58 31.12
CA GLU A 78 0.37 -13.92 31.20
C GLU A 78 -0.45 -12.73 31.70
N GLY A 79 -0.02 -12.10 32.80
CA GLY A 79 -0.78 -10.98 33.38
C GLY A 79 -0.75 -9.74 32.50
N PHE A 80 0.37 -9.51 31.81
CA PHE A 80 0.43 -8.37 30.83
C PHE A 80 -0.58 -8.47 29.66
N LEU A 81 -0.56 -9.61 29.00
CA LEU A 81 -1.45 -9.87 27.88
C LEU A 81 -2.88 -9.81 28.28
N GLN A 82 -3.16 -10.37 29.48
CA GLN A 82 -4.49 -10.33 30.03
C GLN A 82 -4.98 -8.88 30.16
N ARG A 83 -4.13 -8.03 30.71
CA ARG A 83 -4.48 -6.62 30.81
C ARG A 83 -4.61 -5.90 29.42
N LYS A 84 -3.68 -6.16 28.51
CA LYS A 84 -3.77 -5.56 27.17
C LYS A 84 -4.97 -6.10 26.36
N ARG A 85 -5.26 -7.39 26.49
CA ARG A 85 -6.37 -7.98 25.73
C ARG A 85 -7.69 -7.49 26.29
N LYS A 86 -7.78 -7.26 27.60
CA LYS A 86 -9.01 -6.70 28.23
C LYS A 86 -9.17 -5.23 27.90
N GLU A 87 -8.05 -4.52 27.80
CA GLU A 87 -8.12 -3.13 27.40
C GLU A 87 -8.66 -2.98 25.96
N TYR A 88 -8.23 -3.84 25.05
CA TYR A 88 -8.74 -3.86 23.70
C TYR A 88 -10.28 -4.19 23.70
N ARG A 89 -10.67 -5.22 24.44
CA ARG A 89 -12.13 -5.51 24.62
C ARG A 89 -12.90 -4.29 25.21
N ASP A 90 -12.36 -3.65 26.26
CA ASP A 90 -13.03 -2.47 26.81
C ASP A 90 -13.10 -1.41 25.76
N SER A 91 -12.05 -1.25 24.93
CA SER A 91 -12.14 -0.20 23.85
C SER A 91 -13.15 -0.54 22.77
N LEU A 92 -13.32 -1.81 22.46
CA LEU A 92 -14.37 -2.25 21.51
C LEU A 92 -15.73 -1.92 22.05
N LYS A 93 -15.93 -2.28 23.31
CA LYS A 93 -17.21 -2.06 24.03
C LYS A 93 -17.56 -0.56 24.04
N HIS A 94 -16.60 0.29 24.38
CA HIS A 94 -16.82 1.72 24.36
C HIS A 94 -17.09 2.28 22.95
N THR A 95 -16.32 1.82 21.97
CA THR A 95 -16.42 2.21 20.56
C THR A 95 -17.80 1.87 19.96
N PHE A 96 -18.36 0.70 20.29
CA PHE A 96 -19.65 0.34 19.71
C PHE A 96 -20.73 0.49 20.77
N SER A 97 -20.88 1.71 21.29
CA SER A 97 -21.84 2.11 22.31
C SER A 97 -22.05 3.60 22.12
N ASP A 98 -23.00 4.16 22.86
CA ASP A 98 -23.40 5.58 22.71
C ASP A 98 -22.38 6.55 23.27
N GLN A 99 -21.35 6.03 23.95
CA GLN A 99 -20.18 6.85 24.36
C GLN A 99 -19.28 7.29 23.20
N HIS A 100 -19.39 6.62 22.05
CA HIS A 100 -18.60 6.96 20.84
C HIS A 100 -19.52 7.35 19.69
N SER A 101 -19.29 8.53 19.14
CA SER A 101 -20.00 8.90 17.94
C SER A 101 -19.15 8.40 16.76
N ARG A 102 -19.69 7.45 16.02
CA ARG A 102 -18.97 6.85 14.94
C ARG A 102 -18.48 7.91 13.94
N ASP A 103 -17.21 7.80 13.58
CA ASP A 103 -16.67 8.64 12.52
C ASP A 103 -16.95 7.90 11.20
N ILE A 104 -17.95 8.36 10.46
CA ILE A 104 -18.41 7.60 9.28
C ILE A 104 -17.42 7.63 8.13
N PRO A 105 -16.85 8.81 7.78
CA PRO A 105 -15.88 8.76 6.67
C PRO A 105 -14.74 7.74 6.92
N THR A 106 -14.24 7.66 8.13
CA THR A 106 -13.13 6.77 8.49
C THR A 106 -13.62 5.35 8.49
N TRP A 107 -14.76 5.09 9.12
CA TRP A 107 -15.31 3.75 9.13
C TRP A 107 -15.45 3.26 7.70
N HIS A 108 -15.94 4.13 6.83
CA HIS A 108 -16.23 3.76 5.43
C HIS A 108 -14.99 3.57 4.52
N GLN A 109 -13.98 4.40 4.70
CA GLN A 109 -12.73 4.26 3.96
C GLN A 109 -12.07 2.94 4.30
N ILE A 110 -12.11 2.53 5.57
CA ILE A 110 -11.50 1.24 5.97
C ILE A 110 -12.35 0.09 5.35
N GLU A 111 -13.67 0.25 5.40
CA GLU A 111 -14.66 -0.74 4.87
C GLU A 111 -14.39 -1.07 3.40
N ILE A 112 -14.18 -0.03 2.61
CA ILE A 112 -13.92 -0.22 1.18
C ILE A 112 -12.47 -0.64 0.84
N ASP A 113 -11.54 -0.50 1.79
CA ASP A 113 -10.14 -0.96 1.59
C ASP A 113 -9.92 -2.43 1.94
N ILE A 114 -10.59 -2.88 2.97
CA ILE A 114 -10.43 -4.25 3.46
C ILE A 114 -10.66 -5.32 2.40
N PRO A 115 -11.78 -5.27 1.59
CA PRO A 115 -11.95 -6.34 0.57
C PRO A 115 -10.96 -6.16 -0.51
N ARG A 116 -10.26 -5.05 -0.52
CA ARG A 116 -9.22 -4.85 -1.55
C ARG A 116 -7.83 -5.06 -0.96
N THR A 117 -7.75 -5.65 0.24
CA THR A 117 -6.46 -5.85 0.94
C THR A 117 -5.98 -7.28 0.67
N ASN A 118 -4.77 -7.43 0.14
CA ASN A 118 -4.26 -8.77 -0.22
C ASN A 118 -5.31 -9.66 -0.96
N PRO A 119 -5.83 -9.15 -2.10
CA PRO A 119 -6.93 -9.75 -2.86
C PRO A 119 -6.66 -11.20 -3.34
N HIS A 120 -5.40 -11.54 -3.55
CA HIS A 120 -5.01 -12.84 -4.00
C HIS A 120 -4.57 -13.80 -2.88
N ILE A 121 -4.89 -13.45 -1.63
CA ILE A 121 -4.63 -14.35 -0.52
C ILE A 121 -5.96 -14.67 0.07
N PRO A 122 -6.38 -15.96 -0.05
CA PRO A 122 -7.73 -16.37 0.36
C PRO A 122 -8.13 -15.94 1.76
N LEU A 123 -7.18 -16.02 2.70
CA LEU A 123 -7.39 -15.58 4.09
C LEU A 123 -8.13 -14.28 4.16
N TYR A 124 -7.74 -13.34 3.31
CA TYR A 124 -8.30 -11.99 3.44
C TYR A 124 -9.72 -11.85 2.90
N GLN A 125 -10.28 -12.88 2.27
CA GLN A 125 -11.66 -12.77 1.82
C GLN A 125 -12.64 -13.44 2.79
N PHE A 126 -12.13 -14.06 3.84
CA PHE A 126 -13.06 -14.56 4.84
C PHE A 126 -13.67 -13.34 5.56
N LYS A 127 -14.98 -13.36 5.66
CA LYS A 127 -15.71 -12.38 6.42
C LYS A 127 -15.20 -12.25 7.87
N SER A 128 -14.78 -13.36 8.49
CA SER A 128 -14.35 -13.26 9.87
C SER A 128 -13.07 -12.37 9.99
N VAL A 129 -12.18 -12.53 9.02
CA VAL A 129 -10.92 -11.85 8.93
C VAL A 129 -11.20 -10.39 8.63
N GLN A 130 -12.13 -10.12 7.70
CA GLN A 130 -12.46 -8.73 7.35
C GLN A 130 -13.02 -7.93 8.52
N ASN A 131 -13.82 -8.57 9.34
CA ASN A 131 -14.44 -7.95 10.51
C ASN A 131 -13.34 -7.74 11.55
N SER A 132 -12.40 -8.68 11.69
CA SER A 132 -11.29 -8.46 12.60
C SER A 132 -10.52 -7.22 12.21
N LEU A 133 -10.19 -7.10 10.94
CA LEU A 133 -9.32 -5.98 10.43
C LEU A 133 -10.02 -4.63 10.53
N GLN A 134 -11.35 -4.66 10.39
CA GLN A 134 -12.17 -3.45 10.48
C GLN A 134 -12.07 -2.87 11.88
N ARG A 135 -12.23 -3.75 12.87
CA ARG A 135 -12.07 -3.35 14.29
C ARG A 135 -10.66 -2.80 14.58
N ILE A 136 -9.62 -3.56 14.17
CA ILE A 136 -8.24 -3.17 14.51
C ILE A 136 -7.99 -1.78 13.95
N LEU A 137 -8.34 -1.59 12.69
CA LEU A 137 -7.90 -0.40 11.95
C LEU A 137 -8.72 0.81 12.41
N TYR A 138 -9.98 0.59 12.71
CA TYR A 138 -10.84 1.70 13.09
C TYR A 138 -10.45 2.20 14.50
N LEU A 139 -10.24 1.27 15.45
CA LEU A 139 -9.70 1.62 16.79
C LEU A 139 -8.35 2.32 16.72
N TRP A 140 -7.43 1.80 15.94
CA TRP A 140 -6.20 2.50 15.71
C TRP A 140 -6.53 3.91 15.19
N ALA A 141 -7.32 4.02 14.12
CA ALA A 141 -7.53 5.36 13.50
C ALA A 141 -8.17 6.40 14.43
N ILE A 142 -9.21 6.02 15.19
CA ILE A 142 -9.89 6.98 16.12
C ILE A 142 -8.97 7.36 17.28
N ARG A 143 -7.95 6.58 17.56
CA ARG A 143 -6.98 6.92 18.61
C ARG A 143 -5.81 7.76 18.08
N HIS A 144 -5.77 7.97 16.76
CA HIS A 144 -4.67 8.73 16.15
C HIS A 144 -5.21 9.75 15.20
N PRO A 145 -6.01 10.69 15.74
CA PRO A 145 -6.70 11.71 14.92
C PRO A 145 -5.76 12.62 14.08
N ALA A 146 -4.47 12.73 14.41
CA ALA A 146 -3.53 13.51 13.54
C ALA A 146 -3.26 12.86 12.14
N SER A 147 -3.47 11.56 12.03
CA SER A 147 -3.42 10.96 10.69
C SER A 147 -4.73 10.44 10.22
N GLY A 148 -5.55 9.98 11.14
CA GLY A 148 -6.73 9.18 10.79
C GLY A 148 -6.21 7.91 10.08
N TYR A 149 -7.11 7.22 9.39
CA TYR A 149 -6.74 6.08 8.63
C TYR A 149 -6.18 6.60 7.32
N VAL A 150 -5.08 6.07 6.82
CA VAL A 150 -4.53 6.49 5.54
C VAL A 150 -4.35 5.22 4.73
N GLN A 151 -4.73 5.22 3.45
CA GLN A 151 -4.63 3.97 2.63
C GLN A 151 -3.21 3.51 2.66
N GLY A 152 -3.04 2.19 2.79
CA GLY A 152 -1.79 1.54 2.85
C GLY A 152 -1.53 1.04 4.28
N ILE A 153 -2.13 1.65 5.28
CA ILE A 153 -2.07 1.10 6.61
C ILE A 153 -2.86 -0.25 6.71
N ASN A 154 -3.87 -0.43 5.85
CA ASN A 154 -4.55 -1.78 5.71
C ASN A 154 -3.50 -2.85 5.31
N ASP A 155 -2.56 -2.53 4.41
CA ASP A 155 -1.43 -3.45 4.11
C ASP A 155 -0.60 -3.72 5.33
N LEU A 156 -0.21 -2.67 6.05
CA LEU A 156 0.75 -2.84 7.14
C LEU A 156 0.25 -3.71 8.32
N VAL A 157 -1.07 -3.78 8.54
CA VAL A 157 -1.61 -4.55 9.62
C VAL A 157 -1.45 -6.08 9.37
N THR A 158 -1.40 -6.49 8.08
CA THR A 158 -1.56 -7.86 7.70
C THR A 158 -0.35 -8.77 8.01
N PRO A 159 0.89 -8.32 7.92
CA PRO A 159 1.97 -9.23 8.32
C PRO A 159 1.87 -9.68 9.78
N PHE A 160 1.41 -8.79 10.65
CA PHE A 160 1.20 -9.07 12.07
C PHE A 160 -0.01 -9.98 12.24
N PHE A 161 -1.14 -9.60 11.67
CA PHE A 161 -2.30 -10.45 11.70
C PHE A 161 -2.01 -11.90 11.32
N GLU A 162 -1.44 -12.10 10.14
CA GLU A 162 -1.26 -13.41 9.60
C GLU A 162 -0.21 -14.20 10.40
N THR A 163 0.87 -13.50 10.74
CA THR A 163 1.87 -14.14 11.56
C THR A 163 1.40 -14.59 12.94
N PHE A 164 0.65 -13.71 13.63
CA PHE A 164 0.09 -14.01 14.91
C PHE A 164 -0.91 -15.19 14.87
N LEU A 165 -1.63 -15.33 13.76
CA LEU A 165 -2.50 -16.50 13.53
C LEU A 165 -1.74 -17.83 13.55
N THR A 166 -0.50 -17.84 13.07
CA THR A 166 0.23 -19.09 12.91
C THR A 166 0.55 -19.70 14.27
N GLU A 167 0.58 -18.88 15.31
CA GLU A 167 0.78 -19.41 16.66
C GLU A 167 -0.35 -20.38 17.05
N TYR A 168 -1.52 -20.17 16.44
CA TYR A 168 -2.68 -20.94 16.79
C TYR A 168 -2.81 -22.23 15.99
N LEU A 169 -1.80 -22.49 15.16
CA LEU A 169 -1.75 -23.63 14.29
C LEU A 169 -0.65 -24.58 14.71
N PRO A 170 -0.92 -25.89 14.51
CA PRO A 170 0.13 -26.87 14.68
C PRO A 170 1.20 -26.51 13.66
N PRO A 171 2.44 -26.75 14.03
CA PRO A 171 3.54 -26.43 13.15
C PRO A 171 3.34 -26.95 11.71
N SER A 172 2.67 -28.10 11.57
CA SER A 172 2.62 -28.75 10.26
C SER A 172 1.55 -28.09 9.39
N GLN A 173 0.73 -27.21 9.97
CA GLN A 173 -0.25 -26.42 9.20
C GLN A 173 0.10 -24.91 9.08
N ILE A 174 1.26 -24.49 9.59
CA ILE A 174 1.67 -23.08 9.54
C ILE A 174 1.63 -22.58 8.11
N ASP A 175 2.09 -23.41 7.17
CA ASP A 175 1.97 -23.12 5.75
C ASP A 175 0.56 -22.94 5.18
N ASP A 176 -0.48 -23.40 5.88
CA ASP A 176 -1.87 -23.32 5.38
C ASP A 176 -2.59 -22.08 5.89
N VAL A 177 -1.89 -21.29 6.68
CA VAL A 177 -2.46 -20.08 7.25
C VAL A 177 -3.16 -19.19 6.23
N LYS A 178 -2.65 -19.19 5.01
CA LYS A 178 -3.25 -18.35 3.97
C LYS A 178 -4.54 -18.90 3.43
N ILE A 179 -4.87 -20.14 3.76
CA ILE A 179 -6.07 -20.71 3.17
C ILE A 179 -7.15 -21.12 4.19
N LYS A 180 -6.84 -21.22 5.46
CA LYS A 180 -7.84 -21.69 6.44
C LYS A 180 -8.53 -20.49 7.06
N ASP A 181 -9.84 -20.65 7.30
CA ASP A 181 -10.63 -19.64 8.00
C ASP A 181 -10.29 -19.78 9.49
N PRO A 182 -9.78 -18.68 10.11
CA PRO A 182 -9.45 -18.67 11.52
C PRO A 182 -10.53 -19.29 12.38
N SER A 183 -11.79 -19.07 11.99
CA SER A 183 -13.00 -19.64 12.67
C SER A 183 -13.01 -21.15 12.83
N THR A 184 -12.25 -21.86 12.00
CA THR A 184 -12.25 -23.30 12.00
C THR A 184 -11.24 -23.90 12.94
N TYR A 185 -10.36 -23.07 13.50
CA TYR A 185 -9.43 -23.52 14.48
C TYR A 185 -9.25 -22.62 15.70
N MET A 186 -9.95 -21.48 15.75
CA MET A 186 -9.88 -20.64 16.94
C MET A 186 -11.25 -20.34 17.36
N VAL A 187 -11.49 -20.34 18.67
CA VAL A 187 -12.74 -19.85 19.22
C VAL A 187 -12.74 -18.33 19.16
N ASP A 188 -13.92 -17.72 19.18
CA ASP A 188 -14.05 -16.26 19.05
C ASP A 188 -13.16 -15.50 20.05
N GLU A 189 -13.12 -15.97 21.29
CA GLU A 189 -12.31 -15.30 22.31
C GLU A 189 -10.81 -15.28 21.92
N GLN A 190 -10.33 -16.32 21.22
CA GLN A 190 -8.95 -16.39 20.81
C GLN A 190 -8.72 -15.35 19.68
N ILE A 191 -9.73 -15.18 18.84
CA ILE A 191 -9.67 -14.23 17.75
C ILE A 191 -9.59 -12.81 18.29
N THR A 192 -10.37 -12.55 19.33
CA THR A 192 -10.33 -11.27 20.00
C THR A 192 -8.96 -11.07 20.64
N ASP A 193 -8.38 -12.13 21.26
CA ASP A 193 -7.05 -12.03 21.82
C ASP A 193 -6.02 -11.67 20.72
N LEU A 194 -6.12 -12.33 19.56
CA LEU A 194 -5.19 -12.07 18.48
C LEU A 194 -5.40 -10.65 17.90
N GLU A 195 -6.67 -10.21 17.79
CA GLU A 195 -6.94 -8.84 17.41
C GLU A 195 -6.26 -7.83 18.36
N ALA A 196 -6.40 -8.01 19.66
CA ALA A 196 -5.68 -7.14 20.64
C ALA A 196 -4.20 -7.03 20.34
N ASP A 197 -3.54 -8.18 20.22
CA ASP A 197 -2.08 -8.28 19.99
C ASP A 197 -1.73 -7.60 18.67
N THR A 198 -2.53 -7.89 17.63
CA THR A 198 -2.34 -7.23 16.35
C THR A 198 -2.47 -5.68 16.51
N PHE A 199 -3.48 -5.22 17.26
CA PHE A 199 -3.74 -3.80 17.44
C PHE A 199 -2.58 -3.13 18.15
N TRP A 200 -2.09 -3.73 19.25
CA TRP A 200 -1.01 -3.12 20.03
C TRP A 200 0.31 -3.18 19.27
N CYS A 201 0.53 -4.22 18.46
CA CYS A 201 1.78 -4.31 17.71
C CYS A 201 1.74 -3.36 16.51
N LEU A 202 0.60 -3.23 15.85
CA LEU A 202 0.45 -2.26 14.78
C LEU A 202 0.70 -0.83 15.35
N THR A 203 0.11 -0.53 16.49
CA THR A 203 0.39 0.72 17.22
C THR A 203 1.89 0.99 17.43
N LYS A 204 2.63 -0.01 17.91
CA LYS A 204 4.10 0.16 18.06
C LYS A 204 4.77 0.40 16.71
N LEU A 205 4.36 -0.30 15.65
CA LEU A 205 5.01 -0.05 14.36
C LEU A 205 4.79 1.38 13.96
N LEU A 206 3.53 1.82 14.01
CA LEU A 206 3.18 3.12 13.43
C LEU A 206 3.74 4.33 14.19
N GLU A 207 3.93 4.20 15.49
CA GLU A 207 4.63 5.17 16.31
C GLU A 207 6.07 5.41 15.82
N GLN A 208 6.66 4.48 15.08
CA GLN A 208 8.03 4.62 14.63
C GLN A 208 8.09 5.56 13.42
N ILE A 209 6.93 5.79 12.79
CA ILE A 209 6.82 6.46 11.52
C ILE A 209 5.61 7.39 11.43
N THR A 210 5.29 8.08 12.53
CA THR A 210 4.12 8.91 12.64
C THR A 210 3.93 9.95 11.49
N ASP A 211 4.97 10.80 11.32
CA ASP A 211 5.09 11.81 10.28
C ASP A 211 4.79 11.30 8.88
N ASN A 212 4.83 9.98 8.70
CA ASN A 212 4.53 9.41 7.37
C ASN A 212 3.05 9.63 6.97
N TYR A 213 2.14 9.75 7.92
CA TYR A 213 0.71 9.75 7.58
C TYR A 213 -0.11 10.97 8.05
N ILE A 214 0.54 11.97 8.64
CA ILE A 214 -0.12 13.21 9.00
C ILE A 214 -0.34 14.01 7.75
N HIS A 215 -1.06 15.13 7.86
CA HIS A 215 -1.36 15.97 6.69
C HIS A 215 -0.10 16.31 5.93
N GLY A 216 -0.08 16.12 4.62
CA GLY A 216 1.07 16.44 3.82
C GLY A 216 2.05 15.29 3.73
N GLN A 217 1.88 14.25 4.57
CA GLN A 217 2.83 13.09 4.61
C GLN A 217 4.32 13.48 4.52
N PRO A 218 4.77 14.44 5.38
CA PRO A 218 6.14 14.96 5.26
C PRO A 218 7.15 13.83 5.49
N GLY A 219 6.79 12.87 6.34
CA GLY A 219 7.60 11.65 6.59
C GLY A 219 7.99 10.93 5.30
N ILE A 220 7.03 10.73 4.42
CA ILE A 220 7.29 10.08 3.16
C ILE A 220 8.12 10.96 2.23
N LEU A 221 7.79 12.25 2.19
CA LEU A 221 8.48 13.14 1.28
C LEU A 221 9.96 13.27 1.69
N ARG A 222 10.24 13.41 2.98
CA ARG A 222 11.64 13.36 3.47
C ARG A 222 12.37 12.08 3.05
N GLN A 223 11.78 10.92 3.38
CA GLN A 223 12.32 9.63 2.94
C GLN A 223 12.60 9.50 1.45
N VAL A 224 11.71 9.97 0.58
CA VAL A 224 11.99 9.94 -0.83
C VAL A 224 13.20 10.88 -1.17
N LYS A 225 13.27 12.07 -0.54
CA LYS A 225 14.43 12.94 -0.80
C LYS A 225 15.73 12.27 -0.31
N ASN A 226 15.72 11.73 0.90
CA ASN A 226 16.85 11.00 1.43
C ASN A 226 17.29 9.90 0.50
N LEU A 227 16.33 9.19 -0.08
CA LEU A 227 16.63 8.09 -1.02
C LEU A 227 17.27 8.61 -2.33
N SER A 228 16.73 9.69 -2.86
CA SER A 228 17.32 10.36 -4.01
C SER A 228 18.80 10.71 -3.77
N GLN A 229 19.07 11.38 -2.67
CA GLN A 229 20.42 11.79 -2.34
C GLN A 229 21.35 10.62 -2.09
N LEU A 230 20.88 9.53 -1.44
CA LEU A 230 21.68 8.29 -1.27
C LEU A 230 22.08 7.71 -2.60
N VAL A 231 21.12 7.63 -3.54
CA VAL A 231 21.38 6.98 -4.81
C VAL A 231 22.32 7.83 -5.74
N LYS A 232 22.24 9.15 -5.61
CA LYS A 232 23.20 10.05 -6.21
C LYS A 232 24.64 9.70 -5.73
N ARG A 233 24.83 9.50 -4.44
CA ARG A 233 26.11 9.17 -3.86
C ARG A 233 26.58 7.76 -4.27
N ILE A 234 25.78 6.73 -3.98
CA ILE A 234 26.14 5.32 -4.18
C ILE A 234 26.17 4.93 -5.66
N ASP A 235 25.23 5.44 -6.44
CA ASP A 235 25.18 5.10 -7.87
C ASP A 235 24.86 6.34 -8.80
N ALA A 236 25.81 7.28 -8.89
CA ALA A 236 25.67 8.49 -9.73
C ALA A 236 25.28 8.26 -11.17
N ASP A 237 25.85 7.27 -11.83
CA ASP A 237 25.37 6.92 -13.18
C ASP A 237 23.88 6.64 -13.28
N LEU A 238 23.34 5.83 -12.34
CA LEU A 238 21.88 5.50 -12.36
C LEU A 238 21.07 6.79 -12.17
N TYR A 239 21.48 7.60 -11.21
CA TYR A 239 20.88 8.91 -10.92
C TYR A 239 20.85 9.82 -12.15
N ASN A 240 21.99 9.96 -12.83
CA ASN A 240 22.08 10.80 -14.06
C ASN A 240 21.23 10.25 -15.17
N HIS A 241 21.20 8.94 -15.34
CA HIS A 241 20.29 8.31 -16.34
C HIS A 241 18.84 8.68 -16.08
N PHE A 242 18.47 8.79 -14.79
CA PHE A 242 17.07 9.08 -14.36
C PHE A 242 16.72 10.51 -14.73
N GLN A 243 17.62 11.45 -14.40
CA GLN A 243 17.57 12.86 -14.87
C GLN A 243 17.40 12.94 -16.36
N ASN A 244 18.16 12.16 -17.13
CA ASN A 244 18.13 12.22 -18.58
C ASN A 244 16.79 11.79 -19.12
N GLU A 245 16.06 10.99 -18.34
CA GLU A 245 14.80 10.42 -18.84
C GLU A 245 13.61 11.02 -18.11
N HIS A 246 13.88 11.94 -17.19
CA HIS A 246 12.88 12.64 -16.39
C HIS A 246 12.14 11.71 -15.39
N VAL A 247 12.84 10.64 -14.99
CA VAL A 247 12.44 9.76 -13.90
C VAL A 247 12.61 10.49 -12.60
N GLU A 248 11.47 10.63 -11.93
CA GLU A 248 11.42 11.22 -10.60
C GLU A 248 11.27 10.11 -9.54
N PHE A 249 12.04 10.23 -8.48
CA PHE A 249 11.94 9.25 -7.44
C PHE A 249 10.55 9.05 -6.88
N ILE A 250 9.78 10.13 -6.79
CA ILE A 250 8.45 10.13 -6.26
C ILE A 250 7.49 9.30 -7.15
N GLN A 251 7.78 9.07 -8.42
CA GLN A 251 6.86 8.28 -9.23
C GLN A 251 6.85 6.78 -8.88
N PHE A 252 7.81 6.28 -8.11
CA PHE A 252 7.77 4.87 -7.77
C PHE A 252 8.08 4.70 -6.29
N ALA A 253 8.77 5.66 -5.67
CA ALA A 253 9.21 5.47 -4.30
C ALA A 253 8.22 5.94 -3.22
N PHE A 254 7.17 6.66 -3.62
CA PHE A 254 6.15 7.06 -2.68
C PHE A 254 5.49 5.77 -2.14
N ARG A 255 5.07 4.85 -3.00
CA ARG A 255 4.45 3.59 -2.54
C ARG A 255 5.47 2.80 -1.68
N TRP A 256 6.78 2.93 -2.00
CA TRP A 256 7.84 2.16 -1.28
C TRP A 256 7.87 2.59 0.15
N MET A 257 7.71 3.88 0.37
CA MET A 257 7.69 4.37 1.78
C MET A 257 6.36 4.17 2.45
N ASN A 258 5.26 4.43 1.74
CA ASN A 258 3.94 4.44 2.38
C ASN A 258 3.58 3.00 2.85
N CYS A 259 3.96 1.97 2.09
CA CYS A 259 3.59 0.56 2.46
C CYS A 259 4.80 -0.26 2.82
N LEU A 260 5.93 0.42 3.12
CA LEU A 260 7.19 -0.23 3.55
C LEU A 260 7.60 -1.40 2.63
N LEU A 261 7.54 -1.16 1.32
CA LEU A 261 7.89 -2.13 0.31
C LEU A 261 6.92 -3.29 0.23
N MET A 262 5.81 -3.24 0.97
CA MET A 262 4.89 -4.40 0.93
C MET A 262 4.33 -4.61 -0.44
N ARG A 263 4.18 -3.54 -1.22
CA ARG A 263 3.56 -3.63 -2.51
C ARG A 263 4.54 -4.05 -3.63
N GLU A 264 5.80 -4.32 -3.28
CA GLU A 264 6.84 -4.74 -4.23
C GLU A 264 7.25 -6.19 -4.06
N PHE A 265 6.67 -6.90 -3.09
CA PHE A 265 7.14 -8.23 -2.71
C PHE A 265 5.96 -9.15 -2.41
N GLN A 266 6.22 -10.44 -2.38
CA GLN A 266 5.21 -11.39 -1.89
C GLN A 266 5.14 -11.30 -0.36
N MET A 267 4.01 -11.66 0.22
CA MET A 267 3.84 -11.63 1.65
C MET A 267 4.94 -12.45 2.35
N GLY A 268 5.33 -13.60 1.81
CA GLY A 268 6.37 -14.38 2.45
C GLY A 268 7.70 -13.64 2.54
N THR A 269 8.04 -12.88 1.50
CA THR A 269 9.25 -12.05 1.55
C THR A 269 9.14 -10.90 2.57
N VAL A 270 7.98 -10.24 2.62
CA VAL A 270 7.73 -9.19 3.61
C VAL A 270 7.87 -9.70 5.06
N ILE A 271 7.23 -10.84 5.35
CA ILE A 271 7.29 -11.43 6.66
C ILE A 271 8.74 -11.70 7.09
N ARG A 272 9.53 -12.32 6.21
CA ARG A 272 10.93 -12.54 6.45
C ARG A 272 11.71 -11.24 6.63
N MET A 273 11.43 -10.24 5.82
CA MET A 273 12.11 -8.95 5.95
C MET A 273 11.80 -8.27 7.30
N TRP A 274 10.58 -8.43 7.77
CA TRP A 274 10.21 -7.92 9.09
C TRP A 274 10.91 -8.61 10.24
N ASP A 275 11.36 -9.88 10.10
CA ASP A 275 12.22 -10.46 11.19
C ASP A 275 13.39 -9.48 11.43
N THR A 276 13.98 -8.98 10.34
CA THR A 276 15.13 -8.08 10.36
C THR A 276 14.78 -6.65 10.75
N TYR A 277 13.72 -6.06 10.18
CA TYR A 277 13.28 -4.72 10.60
C TYR A 277 13.03 -4.62 12.13
N LEU A 278 12.35 -5.64 12.68
CA LEU A 278 12.00 -5.66 14.10
C LEU A 278 13.21 -5.87 14.99
N SER A 279 14.21 -6.61 14.50
CA SER A 279 15.43 -6.79 15.29
C SER A 279 16.24 -5.51 15.20
N GLU A 280 16.34 -4.93 13.99
CA GLU A 280 17.18 -3.77 13.71
C GLU A 280 16.73 -2.56 14.48
N THR A 281 15.42 -2.34 14.52
CA THR A 281 14.76 -1.28 15.28
C THR A 281 14.30 -1.60 16.74
N SER A 282 14.46 -2.84 17.20
CA SER A 282 14.13 -3.21 18.58
C SER A 282 14.84 -2.31 19.62
N GLN A 283 14.07 -1.69 20.51
CA GLN A 283 14.62 -0.70 21.46
C GLN A 283 15.16 -1.34 22.75
N GLN A 341 21.33 -0.90 16.70
CA GLN A 341 20.07 -0.14 16.88
C GLN A 341 19.87 1.10 15.93
N SER A 342 18.91 1.01 15.02
CA SER A 342 18.68 2.05 13.99
C SER A 342 17.19 2.40 13.98
N SER A 343 16.84 3.61 13.54
CA SER A 343 15.43 3.88 13.36
C SER A 343 14.92 3.18 12.07
N LEU A 344 13.66 2.79 12.11
CA LEU A 344 12.89 2.31 10.97
C LEU A 344 13.00 3.19 9.72
N ASN A 345 12.65 4.47 9.79
CA ASN A 345 12.85 5.37 8.63
C ASN A 345 14.20 5.29 7.97
N GLU A 346 15.26 5.25 8.78
CA GLU A 346 16.61 5.30 8.24
C GLU A 346 16.99 3.98 7.59
N PHE A 347 16.67 2.89 8.29
CA PHE A 347 17.06 1.60 7.78
C PHE A 347 16.30 1.34 6.46
N HIS A 348 15.00 1.66 6.44
CA HIS A 348 14.13 1.45 5.27
C HIS A 348 14.62 2.15 4.01
N VAL A 349 15.13 3.38 4.12
CA VAL A 349 15.74 4.12 3.00
C VAL A 349 16.99 3.38 2.42
N PHE A 350 17.82 2.85 3.29
CA PHE A 350 18.95 2.01 2.85
C PHE A 350 18.48 0.76 2.15
N VAL A 351 17.46 0.09 2.72
CA VAL A 351 16.87 -1.04 2.01
C VAL A 351 16.40 -0.67 0.65
N CYS A 352 15.64 0.41 0.56
CA CYS A 352 15.11 0.85 -0.75
C CYS A 352 16.27 1.19 -1.74
N ALA A 353 17.34 1.79 -1.21
CA ALA A 353 18.52 2.15 -2.07
C ALA A 353 19.17 0.86 -2.57
N ALA A 354 19.39 -0.09 -1.64
CA ALA A 354 19.89 -1.42 -2.05
C ALA A 354 18.96 -2.11 -3.07
N PHE A 355 17.64 -2.03 -2.87
CA PHE A 355 16.66 -2.64 -3.81
C PHE A 355 16.66 -2.00 -5.15
N LEU A 356 16.65 -0.67 -5.15
CA LEU A 356 16.78 0.02 -6.46
C LEU A 356 18.08 -0.34 -7.19
N ILE A 357 19.21 -0.28 -6.47
CA ILE A 357 20.53 -0.41 -7.16
C ILE A 357 20.69 -1.84 -7.66
N LYS A 358 20.02 -2.78 -7.00
CA LYS A 358 19.98 -4.15 -7.49
C LYS A 358 19.60 -4.26 -8.96
N TRP A 359 18.73 -3.38 -9.46
CA TRP A 359 18.21 -3.42 -10.83
C TRP A 359 18.95 -2.44 -11.76
N SER A 360 19.97 -1.77 -11.23
CA SER A 360 20.71 -0.67 -11.91
C SER A 360 21.01 -1.00 -13.35
N ASP A 361 21.58 -2.17 -13.53
CA ASP A 361 21.87 -2.70 -14.86
C ASP A 361 20.76 -2.77 -15.87
N GLN A 362 19.63 -3.40 -15.51
CA GLN A 362 18.46 -3.43 -16.36
C GLN A 362 17.97 -1.99 -16.55
N LEU A 363 17.94 -1.21 -15.48
CA LEU A 363 17.41 0.16 -15.51
C LEU A 363 18.20 1.13 -16.41
N MET A 364 19.53 0.96 -16.47
CA MET A 364 20.42 1.82 -17.28
C MET A 364 20.06 1.85 -18.74
N GLU A 365 19.35 0.82 -19.20
CA GLU A 365 19.03 0.67 -20.62
C GLU A 365 17.58 1.03 -20.88
N MET A 366 16.91 1.65 -19.90
CA MET A 366 15.45 1.80 -19.98
C MET A 366 15.07 3.25 -20.19
N ASP A 367 14.03 3.47 -20.99
CA ASP A 367 13.47 4.81 -21.11
C ASP A 367 12.47 5.05 -19.98
N PHE A 368 11.80 6.19 -20.00
CA PHE A 368 10.97 6.60 -18.89
C PHE A 368 9.84 5.60 -18.71
N GLN A 369 9.12 5.21 -19.75
CA GLN A 369 7.94 4.36 -19.47
C GLN A 369 8.37 3.01 -18.96
N GLU A 370 9.51 2.50 -19.45
CA GLU A 370 10.06 1.21 -19.02
C GLU A 370 10.50 1.27 -17.56
N THR A 371 11.16 2.34 -17.17
CA THR A 371 11.61 2.47 -15.83
C THR A 371 10.38 2.44 -14.87
N ILE A 372 9.32 3.18 -15.19
CA ILE A 372 8.24 3.41 -14.22
C ILE A 372 7.43 2.11 -14.09
N THR A 373 7.20 1.46 -15.22
CA THR A 373 6.50 0.19 -15.29
C THR A 373 7.21 -0.88 -14.50
N PHE A 374 8.53 -0.91 -14.65
CA PHE A 374 9.37 -1.92 -14.01
C PHE A 374 9.41 -1.68 -12.50
N LEU A 375 9.70 -0.45 -12.07
CA LEU A 375 9.81 -0.13 -10.63
C LEU A 375 8.49 -0.15 -9.86
N GLN A 376 7.38 -0.11 -10.59
CA GLN A 376 6.05 -0.34 -10.05
C GLN A 376 5.63 -1.81 -10.19
N ASN A 377 6.34 -2.59 -10.99
CA ASN A 377 6.07 -4.05 -11.02
C ASN A 377 7.40 -4.88 -10.93
N PRO A 378 8.17 -4.74 -9.85
CA PRO A 378 9.51 -5.36 -9.97
C PRO A 378 9.42 -6.91 -10.05
N PRO A 379 10.44 -7.59 -10.66
CA PRO A 379 10.33 -9.05 -10.82
C PRO A 379 10.76 -9.81 -9.54
N THR A 380 9.96 -9.72 -8.47
CA THR A 380 10.36 -10.27 -7.17
C THR A 380 9.48 -11.50 -6.77
N LYS A 381 8.60 -11.97 -7.65
CA LYS A 381 7.64 -13.04 -7.29
C LYS A 381 8.33 -14.29 -6.81
N ASP A 382 9.55 -14.58 -7.27
CA ASP A 382 10.21 -15.85 -6.92
C ASP A 382 11.36 -15.72 -5.94
N TRP A 383 11.48 -14.55 -5.32
CA TRP A 383 12.55 -14.27 -4.39
C TRP A 383 12.39 -15.24 -3.20
N THR A 384 13.54 -15.72 -2.72
CA THR A 384 13.62 -16.66 -1.58
C THR A 384 14.08 -15.86 -0.38
N GLU A 385 14.08 -16.47 0.82
CA GLU A 385 14.63 -15.79 2.03
C GLU A 385 16.13 -15.34 1.82
N THR A 386 16.81 -15.98 0.90
CA THR A 386 18.19 -15.70 0.64
C THR A 386 18.39 -14.48 -0.29
N ASP A 387 17.51 -14.32 -1.28
CA ASP A 387 17.37 -13.09 -2.02
C ASP A 387 17.20 -11.91 -1.03
N ILE A 388 16.26 -12.00 -0.09
CA ILE A 388 15.98 -10.87 0.77
C ILE A 388 17.03 -10.61 1.84
N GLU A 389 17.59 -11.69 2.38
CA GLU A 389 18.75 -11.64 3.24
C GLU A 389 19.92 -10.87 2.59
N MET A 390 20.22 -11.14 1.33
CA MET A 390 21.35 -10.49 0.65
C MET A 390 21.10 -8.99 0.51
N LEU A 391 19.84 -8.61 0.24
CA LEU A 391 19.44 -7.20 0.15
C LEU A 391 19.59 -6.53 1.49
N LEU A 392 19.09 -7.19 2.54
CA LEU A 392 19.14 -6.62 3.89
C LEU A 392 20.59 -6.44 4.34
N SER A 393 21.47 -7.39 4.03
CA SER A 393 22.82 -7.27 4.54
C SER A 393 23.55 -6.13 3.78
N GLU A 394 23.27 -5.99 2.51
CA GLU A 394 23.81 -4.86 1.75
C GLU A 394 23.33 -3.46 2.24
N ALA A 395 22.02 -3.31 2.48
CA ALA A 395 21.47 -2.15 3.17
C ALA A 395 22.21 -1.87 4.51
N PHE A 396 22.34 -2.88 5.36
CA PHE A 396 23.03 -2.70 6.60
C PHE A 396 24.49 -2.20 6.38
N ILE A 397 25.22 -2.84 5.47
CA ILE A 397 26.56 -2.41 5.17
C ILE A 397 26.58 -0.98 4.70
N TRP A 398 25.77 -0.61 3.69
CA TRP A 398 25.68 0.78 3.25
C TRP A 398 25.32 1.80 4.37
N GLN A 399 24.45 1.37 5.27
CA GLN A 399 24.03 2.20 6.37
C GLN A 399 25.25 2.63 7.18
N SER A 400 26.18 1.69 7.39
CA SER A 400 27.45 1.98 8.04
C SER A 400 28.40 2.81 7.22
N LEU A 401 28.49 2.53 5.94
CA LEU A 401 29.51 3.13 5.10
C LEU A 401 29.12 4.53 4.74
N TYR A 402 27.85 4.72 4.40
CA TYR A 402 27.37 5.97 3.84
C TYR A 402 26.55 6.74 4.88
N LYS A 403 27.02 6.63 6.14
CA LYS A 403 26.44 7.30 7.33
C LYS A 403 26.77 8.77 7.42
N ASP A 404 28.03 9.14 7.15
CA ASP A 404 28.46 10.56 7.12
C ASP A 404 28.05 11.15 5.77
N ALA A 405 26.77 11.54 5.70
CA ALA A 405 26.07 11.92 4.48
C ALA A 405 24.67 12.40 4.90
N THR A 406 24.51 13.73 4.95
CA THR A 406 23.22 14.42 5.25
C THR A 406 22.68 15.27 4.07
N ARG B 26 10.32 7.83 -32.54
CA ARG B 26 9.59 8.95 -31.90
C ARG B 26 8.08 8.87 -32.18
N SER B 27 7.33 8.46 -31.16
CA SER B 27 5.89 8.62 -31.12
C SER B 27 5.62 9.82 -30.23
N ARG B 28 4.56 10.58 -30.52
CA ARG B 28 4.12 11.61 -29.59
C ARG B 28 3.57 10.86 -28.37
N ILE B 29 3.87 11.37 -27.18
CA ILE B 29 3.37 10.77 -25.94
C ILE B 29 2.45 11.79 -25.31
N PHE B 30 1.27 11.33 -24.91
CA PHE B 30 0.32 12.17 -24.20
C PHE B 30 0.05 11.59 -22.82
N LYS B 31 0.23 12.46 -21.83
CA LYS B 31 -0.01 12.16 -20.42
C LYS B 31 -1.45 12.48 -20.02
N ILE B 32 -2.17 11.44 -19.65
CA ILE B 32 -3.53 11.57 -19.14
C ILE B 32 -3.63 11.06 -17.70
N ILE B 33 -4.21 11.89 -16.83
CA ILE B 33 -4.45 11.56 -15.45
C ILE B 33 -5.93 11.24 -15.18
N VAL B 34 -6.16 10.20 -14.38
CA VAL B 34 -7.52 9.79 -13.92
C VAL B 34 -7.63 10.10 -12.44
N ILE B 35 -8.56 11.00 -12.12
CA ILE B 35 -8.78 11.53 -10.76
C ILE B 35 -10.26 11.36 -10.27
N GLY B 36 -10.45 11.35 -8.95
CA GLY B 36 -11.73 11.21 -8.32
C GLY B 36 -11.62 10.39 -7.05
N ASP B 37 -12.72 10.33 -6.30
CA ASP B 37 -12.72 9.76 -4.95
C ASP B 37 -12.26 8.33 -4.92
N SER B 38 -11.75 7.92 -3.75
CA SER B 38 -11.44 6.50 -3.51
C SER B 38 -12.66 5.58 -3.90
N ASN B 39 -12.44 4.46 -4.59
CA ASN B 39 -13.44 3.41 -4.76
C ASN B 39 -14.47 3.64 -5.86
N VAL B 40 -14.28 4.67 -6.66
CA VAL B 40 -15.26 5.01 -7.71
C VAL B 40 -14.95 4.15 -8.95
N GLY B 41 -13.73 3.60 -9.03
CA GLY B 41 -13.37 2.66 -10.06
C GLY B 41 -12.35 3.20 -11.00
N LYS B 42 -11.49 4.11 -10.57
CA LYS B 42 -10.47 4.64 -11.48
C LYS B 42 -9.58 3.51 -12.00
N THR B 43 -9.20 2.56 -11.14
CA THR B 43 -8.22 1.54 -11.58
C THR B 43 -8.90 0.59 -12.53
N CYS B 44 -10.13 0.16 -12.22
CA CYS B 44 -10.89 -0.66 -13.17
C CYS B 44 -11.11 0.02 -14.55
N LEU B 45 -11.50 1.28 -14.55
CA LEU B 45 -11.65 2.05 -15.80
C LEU B 45 -10.35 2.10 -16.60
N THR B 46 -9.27 2.46 -15.93
CA THR B 46 -8.00 2.56 -16.64
C THR B 46 -7.47 1.19 -17.07
N TYR B 47 -7.80 0.14 -16.32
CA TYR B 47 -7.49 -1.20 -16.80
C TYR B 47 -8.26 -1.52 -18.09
N ARG B 48 -9.50 -1.03 -18.21
CA ARG B 48 -10.25 -1.15 -19.50
C ARG B 48 -9.59 -0.34 -20.65
N PHE B 49 -9.30 0.95 -20.41
CA PHE B 49 -8.53 1.74 -21.37
C PHE B 49 -7.26 1.01 -21.85
N CYS B 50 -6.61 0.26 -20.97
CA CYS B 50 -5.29 -0.31 -21.26
C CYS B 50 -5.21 -1.76 -21.69
N ALA B 51 -6.22 -2.57 -21.37
CA ALA B 51 -6.12 -4.02 -21.56
C ALA B 51 -7.45 -4.59 -21.96
N GLY B 52 -8.42 -3.74 -22.25
CA GLY B 52 -9.78 -4.22 -22.60
C GLY B 52 -10.42 -5.15 -21.59
N ARG B 53 -9.75 -5.34 -20.45
CA ARG B 53 -10.27 -6.18 -19.35
C ARG B 53 -10.70 -5.44 -18.04
N PHE B 54 -11.61 -6.05 -17.29
CA PHE B 54 -11.98 -5.60 -15.97
C PHE B 54 -11.21 -6.39 -14.89
N PRO B 55 -10.40 -5.71 -14.04
CA PRO B 55 -9.59 -6.39 -13.02
C PRO B 55 -10.52 -6.67 -11.84
N ASP B 56 -10.87 -7.91 -11.63
CA ASP B 56 -11.83 -8.14 -10.55
C ASP B 56 -11.22 -8.24 -9.13
N ARG B 57 -9.91 -8.08 -9.01
CA ARG B 57 -9.33 -8.02 -7.67
C ARG B 57 -8.32 -6.87 -7.59
N THR B 58 -8.81 -5.65 -7.57
CA THR B 58 -7.90 -4.49 -7.40
C THR B 58 -7.43 -4.35 -5.94
N GLU B 59 -6.31 -3.67 -5.77
CA GLU B 59 -5.85 -3.24 -4.48
C GLU B 59 -6.17 -1.74 -4.38
N ALA B 60 -6.17 -1.17 -3.18
CA ALA B 60 -6.35 0.26 -3.06
C ALA B 60 -5.06 0.81 -3.69
N THR B 61 -5.17 1.69 -4.68
CA THR B 61 -4.00 2.29 -5.33
C THR B 61 -3.30 3.22 -4.35
N ILE B 62 -1.96 3.15 -4.33
CA ILE B 62 -1.13 3.91 -3.41
C ILE B 62 -0.22 4.76 -4.26
N GLY B 63 -0.28 6.07 -4.11
CA GLY B 63 0.48 6.92 -5.01
C GLY B 63 -0.24 6.96 -6.35
N VAL B 64 0.50 6.76 -7.44
CA VAL B 64 -0.06 6.96 -8.76
C VAL B 64 0.45 5.87 -9.67
N ASP B 65 -0.43 4.98 -10.10
CA ASP B 65 -0.09 3.85 -10.95
C ASP B 65 0.10 4.32 -12.38
N PHE B 66 1.07 3.76 -13.05
CA PHE B 66 1.43 4.17 -14.42
C PHE B 66 1.13 3.01 -15.35
N ARG B 67 0.56 3.34 -16.49
CA ARG B 67 0.17 2.38 -17.53
C ARG B 67 0.30 3.09 -18.87
N GLU B 68 0.79 2.35 -19.86
CA GLU B 68 0.92 2.87 -21.24
C GLU B 68 0.07 2.12 -22.30
N ARG B 69 -0.57 2.91 -23.14
CA ARG B 69 -1.23 2.37 -24.34
C ARG B 69 -0.84 3.14 -25.62
N ALA B 70 -0.35 2.35 -26.58
CA ALA B 70 0.00 2.76 -27.95
C ALA B 70 -1.26 2.73 -28.76
N VAL B 71 -1.54 3.88 -29.38
CA VAL B 71 -2.70 3.97 -30.27
C VAL B 71 -2.27 4.44 -31.68
N ASP B 72 -2.78 3.73 -32.68
CA ASP B 72 -2.66 4.14 -34.09
C ASP B 72 -3.89 4.92 -34.48
N ILE B 73 -3.68 6.15 -34.92
CA ILE B 73 -4.79 6.98 -35.38
C ILE B 73 -4.36 7.68 -36.68
N ASP B 74 -5.03 7.30 -37.77
CA ASP B 74 -4.77 7.86 -39.11
C ASP B 74 -3.29 7.81 -39.49
N GLY B 75 -2.69 6.64 -39.26
CA GLY B 75 -1.30 6.39 -39.61
C GLY B 75 -0.24 7.07 -38.74
N GLU B 76 -0.69 7.67 -37.63
CA GLU B 76 0.23 8.16 -36.62
C GLU B 76 0.11 7.29 -35.40
N ARG B 77 1.25 6.88 -34.89
CA ARG B 77 1.30 6.07 -33.69
C ARG B 77 1.50 7.06 -32.56
N ILE B 78 0.54 7.06 -31.63
CA ILE B 78 0.65 7.90 -30.43
C ILE B 78 0.73 7.00 -29.16
N LYS B 79 1.42 7.52 -28.16
CA LYS B 79 1.53 6.81 -26.88
C LYS B 79 0.74 7.52 -25.78
N ILE B 80 -0.20 6.79 -25.19
CA ILE B 80 -1.03 7.35 -24.11
C ILE B 80 -0.50 6.82 -22.80
N GLN B 81 0.04 7.74 -22.01
CA GLN B 81 0.47 7.42 -20.65
C GLN B 81 -0.62 7.82 -19.65
N LEU B 82 -1.21 6.80 -19.02
CA LEU B 82 -2.29 6.93 -18.04
C LEU B 82 -1.77 6.91 -16.59
N TRP B 83 -2.00 8.00 -15.85
CA TRP B 83 -1.66 8.09 -14.46
C TRP B 83 -2.96 7.89 -13.63
N ASP B 84 -3.14 6.68 -13.08
CA ASP B 84 -4.27 6.36 -12.25
C ASP B 84 -3.97 6.73 -10.77
N THR B 85 -4.63 7.77 -10.23
CA THR B 85 -4.27 8.25 -8.90
C THR B 85 -4.97 7.54 -7.74
N ALA B 86 -4.36 7.62 -6.55
CA ALA B 86 -5.04 7.32 -5.29
C ALA B 86 -5.95 8.48 -4.98
N GLY B 87 -7.16 8.16 -4.48
CA GLY B 87 -8.19 9.15 -4.37
C GLY B 87 -8.50 9.59 -2.98
N GLN B 88 -7.85 9.04 -1.94
CA GLN B 88 -8.11 9.55 -0.58
C GLN B 88 -7.64 11.00 -0.41
N GLU B 89 -8.44 11.80 0.31
CA GLU B 89 -8.07 13.22 0.57
C GLU B 89 -6.61 13.40 1.03
N ARG B 90 -6.18 12.61 2.00
CA ARG B 90 -4.81 12.69 2.47
C ARG B 90 -3.75 12.77 1.37
N PHE B 91 -3.88 11.89 0.38
CA PHE B 91 -2.90 11.84 -0.69
C PHE B 91 -3.09 13.06 -1.61
N ARG B 92 -4.35 13.39 -1.90
CA ARG B 92 -4.74 14.54 -2.73
C ARG B 92 -3.96 15.80 -2.35
N LYS B 93 -4.07 16.18 -1.08
CA LYS B 93 -3.46 17.39 -0.48
C LYS B 93 -1.98 17.21 -0.14
N SER B 94 -1.47 16.00 -0.39
CA SER B 94 -0.07 15.69 -0.17
C SER B 94 0.70 15.87 -1.45
N MET B 95 0.34 15.11 -2.48
CA MET B 95 1.22 14.95 -3.66
C MET B 95 0.56 14.92 -5.03
N VAL B 96 -0.70 14.48 -5.14
CA VAL B 96 -1.35 14.39 -6.48
C VAL B 96 -1.00 15.64 -7.31
N GLN B 97 -0.97 16.80 -6.62
CA GLN B 97 -0.53 18.11 -7.12
C GLN B 97 0.74 18.12 -8.01
N HIS B 98 1.80 17.41 -7.59
CA HIS B 98 3.01 17.33 -8.39
C HIS B 98 3.11 16.04 -9.24
N TYR B 99 1.93 15.49 -9.56
CA TYR B 99 1.78 14.61 -10.72
C TYR B 99 0.93 15.34 -11.77
N TYR B 100 0.60 16.60 -11.50
CA TYR B 100 -0.16 17.46 -12.43
C TYR B 100 0.69 18.21 -13.46
N ARG B 101 2.01 17.98 -13.46
CA ARG B 101 2.83 18.68 -14.45
C ARG B 101 2.79 18.01 -15.83
N ASN B 102 2.77 18.83 -16.87
CA ASN B 102 2.83 18.33 -18.25
C ASN B 102 1.70 17.38 -18.66
N VAL B 103 0.52 17.54 -18.07
CA VAL B 103 -0.60 16.64 -18.40
C VAL B 103 -1.31 17.15 -19.62
N HIS B 104 -1.63 16.23 -20.51
CA HIS B 104 -2.37 16.53 -21.74
C HIS B 104 -3.90 16.44 -21.66
N ALA B 105 -4.45 15.57 -20.78
CA ALA B 105 -5.90 15.46 -20.61
C ALA B 105 -6.28 14.92 -19.24
N VAL B 106 -7.49 15.29 -18.75
CA VAL B 106 -8.02 14.79 -17.49
C VAL B 106 -9.28 13.90 -17.69
N VAL B 107 -9.29 12.73 -17.03
CA VAL B 107 -10.53 11.96 -16.85
C VAL B 107 -10.98 12.14 -15.43
N PHE B 108 -12.10 12.85 -15.20
CA PHE B 108 -12.66 12.95 -13.88
C PHE B 108 -13.60 11.76 -13.71
N VAL B 109 -13.64 11.14 -12.53
CA VAL B 109 -14.48 9.95 -12.35
C VAL B 109 -15.28 10.08 -11.08
N TYR B 110 -16.57 9.75 -11.16
CA TYR B 110 -17.35 9.64 -9.97
C TYR B 110 -18.08 8.27 -10.07
N ASP B 111 -18.62 7.80 -8.97
CA ASP B 111 -19.38 6.58 -8.86
C ASP B 111 -20.83 7.03 -8.87
N MSE B 112 -21.52 6.61 -9.93
CA MSE B 112 -22.95 6.92 -10.11
C MSE B 112 -23.86 6.45 -8.99
O MSE B 112 -25.01 6.97 -8.84
CB MSE B 112 -23.44 6.33 -11.41
CG MSE B 112 -22.98 7.04 -12.62
SE MSE B 112 -23.45 5.98 -14.24
CE MSE B 112 -25.49 6.26 -14.21
N THR B 113 -23.36 5.49 -8.18
CA THR B 113 -24.14 5.01 -7.00
C THR B 113 -23.85 5.78 -5.73
N ASN B 114 -23.00 6.79 -5.81
CA ASN B 114 -22.53 7.44 -4.60
C ASN B 114 -22.60 8.96 -4.85
N MSE B 115 -23.58 9.64 -4.29
CA MSE B 115 -23.75 11.07 -4.58
C MSE B 115 -22.58 11.94 -4.07
O MSE B 115 -22.19 12.91 -4.72
CB MSE B 115 -25.07 11.60 -3.97
CG MSE B 115 -25.18 13.14 -4.09
SE MSE B 115 -25.76 13.53 -5.89
CE MSE B 115 -24.69 14.87 -6.49
N ALA B 116 -22.06 11.59 -2.89
CA ALA B 116 -20.89 12.26 -2.31
C ALA B 116 -19.71 12.27 -3.27
N SER B 117 -19.50 11.14 -3.96
CA SER B 117 -18.36 11.08 -4.89
C SER B 117 -18.58 12.06 -6.03
N PHE B 118 -19.84 12.28 -6.38
CA PHE B 118 -20.18 13.27 -7.40
C PHE B 118 -19.98 14.67 -6.80
N HIS B 119 -20.38 14.85 -5.54
CA HIS B 119 -20.19 16.16 -4.84
C HIS B 119 -18.71 16.60 -4.55
N SER B 120 -17.73 15.68 -4.66
CA SER B 120 -16.30 16.01 -4.45
C SER B 120 -15.74 16.61 -5.71
N LEU B 121 -16.49 16.48 -6.80
CA LEU B 121 -15.93 16.89 -8.08
C LEU B 121 -15.51 18.39 -8.22
N PRO B 122 -16.35 19.36 -7.75
CA PRO B 122 -15.87 20.78 -7.74
C PRO B 122 -14.52 20.97 -7.01
N ALA B 123 -14.30 20.32 -5.86
CA ALA B 123 -12.96 20.31 -5.28
C ALA B 123 -11.85 19.65 -6.12
N TRP B 124 -12.13 18.54 -6.80
CA TRP B 124 -11.13 18.00 -7.74
C TRP B 124 -10.82 19.00 -8.82
N ILE B 125 -11.87 19.65 -9.34
CA ILE B 125 -11.68 20.62 -10.42
C ILE B 125 -10.78 21.79 -9.95
N GLU B 126 -11.09 22.32 -8.77
CA GLU B 126 -10.37 23.44 -8.18
C GLU B 126 -8.92 23.13 -7.95
N GLU B 127 -8.70 21.93 -7.45
CA GLU B 127 -7.38 21.33 -7.38
C GLU B 127 -6.64 21.29 -8.72
N CYS B 128 -7.32 20.95 -9.80
CA CYS B 128 -6.64 20.96 -11.11
C CYS B 128 -6.19 22.36 -11.53
N LYS B 129 -7.09 23.34 -11.39
CA LYS B 129 -6.85 24.72 -11.81
C LYS B 129 -5.66 25.36 -11.09
N GLN B 130 -5.66 25.27 -9.76
CA GLN B 130 -4.66 25.93 -8.92
C GLN B 130 -3.34 25.13 -8.74
N HIS B 131 -3.19 23.99 -9.44
CA HIS B 131 -1.96 23.17 -9.36
C HIS B 131 -1.47 22.82 -10.76
N LEU B 132 -1.59 23.78 -11.67
CA LEU B 132 -1.48 23.55 -13.11
C LEU B 132 -1.06 24.84 -13.86
N LEU B 133 -0.92 24.74 -15.19
CA LEU B 133 -0.58 25.88 -16.08
C LEU B 133 -1.36 25.90 -17.43
N ALA B 134 -2.52 25.22 -17.48
CA ALA B 134 -3.35 25.10 -18.69
C ALA B 134 -4.88 25.05 -18.42
N ASN B 135 -5.68 25.50 -19.40
CA ASN B 135 -7.15 25.51 -19.28
C ASN B 135 -7.85 24.93 -20.53
N ASP B 136 -7.14 24.93 -21.66
CA ASP B 136 -7.66 24.41 -22.92
C ASP B 136 -7.28 22.92 -23.17
N ILE B 137 -7.09 22.14 -22.08
CA ILE B 137 -6.83 20.69 -22.22
C ILE B 137 -8.11 19.88 -22.22
N PRO B 138 -8.18 18.83 -23.06
CA PRO B 138 -9.33 17.97 -23.05
C PRO B 138 -9.57 17.38 -21.66
N ARG B 139 -10.81 17.43 -21.23
CA ARG B 139 -11.23 16.68 -20.09
C ARG B 139 -12.55 16.00 -20.35
N ILE B 140 -12.77 14.90 -19.67
CA ILE B 140 -14.04 14.25 -19.73
C ILE B 140 -14.48 13.98 -18.33
N LEU B 141 -15.78 13.73 -18.18
CA LEU B 141 -16.36 13.40 -16.92
C LEU B 141 -17.01 12.01 -17.10
N VAL B 142 -16.61 11.02 -16.30
CA VAL B 142 -17.11 9.68 -16.42
C VAL B 142 -17.82 9.30 -15.14
N GLY B 143 -19.11 8.95 -15.27
CA GLY B 143 -19.91 8.39 -14.16
C GLY B 143 -19.84 6.88 -14.35
N ASN B 144 -19.44 6.16 -13.33
CA ASN B 144 -19.09 4.75 -13.46
C ASN B 144 -20.06 3.90 -12.67
N LYS B 145 -19.96 2.60 -12.84
CA LYS B 145 -20.82 1.68 -12.09
C LYS B 145 -22.33 1.77 -12.45
N CYS B 146 -22.63 2.11 -13.69
CA CYS B 146 -24.06 2.19 -14.03
C CYS B 146 -24.81 0.85 -14.08
N ASP B 147 -24.11 -0.13 -14.06
CA ASP B 147 -24.73 -1.42 -13.76
C ASP B 147 -25.36 -1.55 -12.37
N LEU B 148 -25.00 -0.74 -11.41
CA LEU B 148 -25.78 -0.87 -10.21
C LEU B 148 -27.11 -0.12 -10.30
N ARG B 149 -28.03 -0.61 -11.15
CA ARG B 149 -29.20 0.22 -11.53
C ARG B 149 -30.06 0.66 -10.39
N SER B 150 -30.32 -0.21 -9.43
CA SER B 150 -31.12 0.18 -8.25
C SER B 150 -30.44 1.11 -7.29
N ALA B 151 -29.12 1.14 -7.35
CA ALA B 151 -28.37 1.95 -6.39
C ALA B 151 -27.95 3.33 -6.91
N ILE B 152 -28.24 3.62 -8.18
CA ILE B 152 -27.85 4.90 -8.81
C ILE B 152 -28.45 6.06 -8.05
N GLN B 153 -27.60 7.01 -7.66
CA GLN B 153 -28.04 8.18 -6.87
C GLN B 153 -27.91 9.46 -7.65
N VAL B 154 -27.14 9.43 -8.75
CA VAL B 154 -26.78 10.61 -9.51
C VAL B 154 -27.46 10.54 -10.87
N PRO B 155 -28.64 11.21 -11.01
CA PRO B 155 -29.39 11.25 -12.28
C PRO B 155 -28.60 11.94 -13.35
N THR B 156 -28.65 11.41 -14.57
CA THR B 156 -27.99 12.00 -15.74
C THR B 156 -28.07 13.52 -15.90
N ASP B 157 -29.29 14.07 -15.74
CA ASP B 157 -29.53 15.51 -15.93
C ASP B 157 -28.66 16.39 -14.99
N LEU B 158 -28.57 15.98 -13.71
CA LEU B 158 -27.72 16.60 -12.70
C LEU B 158 -26.29 16.59 -13.14
N ALA B 159 -25.79 15.41 -13.58
CA ALA B 159 -24.41 15.28 -14.06
C ALA B 159 -24.14 16.00 -15.36
N GLN B 160 -25.12 16.05 -16.26
CA GLN B 160 -24.93 16.77 -17.52
C GLN B 160 -24.81 18.28 -17.32
N LYS B 161 -25.66 18.82 -16.45
CA LYS B 161 -25.60 20.23 -16.13
C LYS B 161 -24.21 20.52 -15.63
N PHE B 162 -23.72 19.64 -14.73
CA PHE B 162 -22.40 19.83 -14.13
C PHE B 162 -21.33 19.85 -15.19
N ALA B 163 -21.37 18.88 -16.09
CA ALA B 163 -20.40 18.76 -17.17
C ALA B 163 -20.47 19.95 -18.12
N ASP B 164 -21.71 20.43 -18.38
CA ASP B 164 -21.98 21.62 -19.22
C ASP B 164 -21.30 22.87 -18.59
N THR B 165 -21.64 23.20 -17.36
CA THR B 165 -20.93 24.24 -16.59
C THR B 165 -19.41 24.29 -16.85
N HIS B 166 -18.75 23.13 -16.73
CA HIS B 166 -17.31 23.03 -16.93
C HIS B 166 -16.91 22.67 -18.32
N SER B 167 -17.88 22.82 -19.20
CA SER B 167 -17.66 22.65 -20.60
C SER B 167 -16.83 21.41 -20.89
N MSE B 168 -17.32 20.26 -20.41
CA MSE B 168 -16.70 18.99 -20.76
C MSE B 168 -17.79 17.95 -20.97
O MSE B 168 -18.87 18.09 -20.41
CB MSE B 168 -15.76 18.55 -19.63
CG MSE B 168 -16.47 18.22 -18.35
SE MSE B 168 -15.13 17.73 -16.99
CE MSE B 168 -15.99 18.39 -15.46
N PRO B 169 -17.52 16.92 -21.82
CA PRO B 169 -18.49 15.86 -22.09
C PRO B 169 -18.71 14.85 -20.96
N LEU B 170 -19.93 14.37 -20.82
CA LEU B 170 -20.28 13.41 -19.81
C LEU B 170 -20.49 12.07 -20.47
N PHE B 171 -20.01 11.01 -19.80
CA PHE B 171 -20.32 9.62 -20.14
C PHE B 171 -20.72 8.85 -18.93
N GLU B 172 -21.87 8.19 -19.00
CA GLU B 172 -22.33 7.28 -17.96
C GLU B 172 -22.08 5.85 -18.41
N THR B 173 -21.30 5.08 -17.63
CA THR B 173 -20.89 3.75 -18.07
C THR B 173 -20.62 2.76 -16.94
N SER B 174 -20.15 1.61 -17.28
CA SER B 174 -19.71 0.57 -16.36
C SER B 174 -18.40 -0.01 -16.84
N ALA B 175 -17.38 0.10 -16.01
CA ALA B 175 -16.09 -0.66 -16.22
C ALA B 175 -16.26 -2.18 -16.03
N LYS B 176 -17.23 -2.60 -15.23
CA LYS B 176 -17.44 -3.99 -14.96
C LYS B 176 -18.35 -4.73 -15.97
N ASN B 177 -19.55 -4.18 -16.28
CA ASN B 177 -20.50 -4.76 -17.24
C ASN B 177 -19.81 -5.14 -18.56
N PRO B 178 -19.83 -6.42 -18.90
CA PRO B 178 -19.26 -6.87 -20.18
C PRO B 178 -20.04 -6.34 -21.39
N ASN B 179 -21.33 -6.09 -21.24
CA ASN B 179 -22.16 -5.54 -22.31
C ASN B 179 -21.75 -4.10 -22.68
N ASP B 180 -20.94 -3.47 -21.82
CA ASP B 180 -20.49 -2.06 -21.98
C ASP B 180 -19.05 -1.84 -22.44
N ASN B 181 -18.29 -2.91 -22.62
CA ASN B 181 -16.85 -2.72 -22.73
C ASN B 181 -16.42 -2.07 -24.04
N ASP B 182 -17.14 -2.38 -25.13
CA ASP B 182 -16.90 -1.70 -26.40
C ASP B 182 -17.26 -0.22 -26.29
N HIS B 183 -18.21 0.09 -25.40
CA HIS B 183 -18.58 1.46 -25.12
C HIS B 183 -17.47 2.22 -24.37
N VAL B 184 -16.93 1.59 -23.32
CA VAL B 184 -15.79 2.12 -22.60
C VAL B 184 -14.65 2.32 -23.59
N GLU B 185 -14.38 1.33 -24.45
CA GLU B 185 -13.35 1.49 -25.49
C GLU B 185 -13.64 2.75 -26.34
N ALA B 186 -14.92 2.95 -26.71
CA ALA B 186 -15.34 4.12 -27.47
C ALA B 186 -15.17 5.44 -26.71
N ILE B 187 -15.51 5.46 -25.43
CA ILE B 187 -15.26 6.64 -24.59
C ILE B 187 -13.75 7.03 -24.60
N PHE B 188 -12.88 6.03 -24.39
CA PHE B 188 -11.42 6.20 -24.46
C PHE B 188 -10.90 6.65 -25.85
N MSE B 189 -11.43 6.09 -26.93
CA MSE B 189 -11.05 6.58 -28.28
C MSE B 189 -11.41 8.04 -28.52
O MSE B 189 -10.71 8.75 -29.22
CB MSE B 189 -11.55 5.70 -29.41
CG MSE B 189 -10.89 4.34 -29.46
SE MSE B 189 -8.88 4.45 -29.50
CE MSE B 189 -8.51 4.77 -27.64
N THR B 190 -12.48 8.49 -27.89
CA THR B 190 -12.91 9.87 -28.04
C THR B 190 -11.80 10.87 -27.59
N LEU B 191 -11.08 10.52 -26.52
CA LEU B 191 -10.10 11.43 -25.96
C LEU B 191 -8.80 11.28 -26.75
N ALA B 192 -8.59 10.07 -27.26
CA ALA B 192 -7.45 9.78 -28.09
C ALA B 192 -7.55 10.63 -29.37
N HIS B 193 -8.68 10.49 -30.05
CA HIS B 193 -8.96 11.34 -31.21
C HIS B 193 -8.71 12.84 -30.97
N LYS B 194 -9.32 13.43 -29.94
CA LYS B 194 -9.13 14.84 -29.56
C LYS B 194 -7.65 15.25 -29.43
N LEU B 195 -6.93 14.51 -28.59
CA LEU B 195 -5.51 14.70 -28.38
C LEU B 195 -4.71 14.64 -29.68
N LYS B 196 -4.99 13.62 -30.49
CA LYS B 196 -4.29 13.47 -31.77
C LYS B 196 -4.46 14.66 -32.74
N SER B 197 -5.59 15.37 -32.64
CA SER B 197 -5.92 16.53 -33.49
C SER B 197 -5.36 17.88 -33.01
N HIS B 198 -4.19 17.89 -32.34
CA HIS B 198 -3.71 19.04 -31.52
C HIS B 198 -4.84 19.71 -30.73
MG MG C . -7.19 2.53 -7.81
PB GDP D . -10.44 3.20 -7.25
O1B GDP D . -10.15 3.50 -5.79
O2B GDP D . -11.06 4.42 -7.87
O3B GDP D . -9.35 2.69 -8.09
O3A GDP D . -11.52 1.99 -7.20
PA GDP D . -11.23 0.58 -7.88
O1A GDP D . -10.16 -0.18 -7.15
O2A GDP D . -10.85 0.58 -9.33
O5' GDP D . -12.64 -0.15 -7.68
C5' GDP D . -13.24 -0.10 -6.38
C4' GDP D . -14.38 -1.13 -6.28
O4' GDP D . -15.46 -0.84 -7.23
C3' GDP D . -13.83 -2.49 -6.66
O3' GDP D . -14.48 -3.50 -5.86
C2' GDP D . -14.23 -2.68 -8.11
O2' GDP D . -14.48 -4.05 -8.42
C1' GDP D . -15.54 -1.92 -8.17
N9 GDP D . -15.89 -1.41 -9.51
C8 GDP D . -15.17 -0.70 -10.35
N7 GDP D . -15.89 -0.44 -11.48
C5 GDP D . -17.11 -1.01 -11.36
C6 GDP D . -18.37 -1.10 -12.15
O6 GDP D . -18.51 -0.54 -13.29
N1 GDP D . -19.38 -1.77 -11.63
C2 GDP D . -19.33 -2.36 -10.44
N2 GDP D . -20.43 -3.00 -10.01
N3 GDP D . -18.22 -2.29 -9.63
C4 GDP D . -17.09 -1.63 -10.05
AL AF3 E . -8.15 4.31 -4.80
F1 AF3 E . -7.11 3.22 -5.48
F2 AF3 E . -8.22 5.89 -5.39
F3 AF3 E . -9.13 3.83 -3.55
#